data_8BE7
#
_entry.id   8BE7
#
_cell.length_a   143.050
_cell.length_b   143.050
_cell.length_c   208.330
_cell.angle_alpha   90.000
_cell.angle_beta   90.000
_cell.angle_gamma   90.000
#
_symmetry.space_group_name_H-M   'I 4 2 2'
#
loop_
_entity.id
_entity.type
_entity.pdbx_description
1 polymer 'GTPase HRas'
2 polymer 'Son of sevenless homolog 1'
3 polymer SOS1-HRas-peptidomimetic3
4 water water
#
loop_
_entity_poly.entity_id
_entity_poly.type
_entity_poly.pdbx_seq_one_letter_code
_entity_poly.pdbx_strand_id
1 'polypeptide(L)'
;MGSSHHHHHHSSGLVPRGSHMTEYKLVVVGAGGVGKSALTIQLIQNHFVDEYDPTIEDSYRKQVVIDGETCLLDILDTAG
QEEYSAMRDQYMRTGEGFLCVFAINNTKSFEDIHQYREQIKRVKDSDDVPMVLVGNKCDLAARTVESRQAQDLARSYGIP
YIETSAKTRQGVEDAFYTLVREIRQH
;
R
2 'polypeptide(L)'
;MGSSHHHHHHSSGLVPRGSHMEEQMRLPSADVYRFAEPDSEENIIFEENMQPKAGIPIIKAGTVIKLIERLTYHMYADPN
FVRTFLTTYRSFCKPQELLSLIIERFEIPEPEPTEADRIAIENGDQPLSAELKRFRKEYIQPVQLRVLNVCRHWVEHHFY
DFERDAYLLQRMEEFIGTVRGKAMKKWVESITKIIQRKKIARDNGPGHNITFQSSPPTVEWHISRPGHIETFDLLTLHPI
EIARQLTLLESDLYRAVQPSELVGSVWTKEDKEINSPNLLKMIRHTTNLTLWFEKCIVETENLEERVAVVSRIIEILQVF
QELNNFNGVLEVVSAMNSSPVYRLDHTFEQIPSRQKKILEEAHELSEDHYKKYLAKLRSINPPCVPFFGIYLTNILKTEE
GNPEVLKRHGKELINFSKRRKVAEITGEIQQYQNQPYCLRVESDIKRFFENLNPMGNSMEKEFTDYLFNKSLEIEPRNPK
PLPRFPKKYSYPLKSPGVRPSNPRPGT
;
S
3 'polypeptide(L)' K(DAR)HPWSVA(XSN) P
#
# COMPACT_ATOMS: atom_id res chain seq x y z
N MET A 21 31.73 -8.93 -6.10
CA MET A 21 31.64 -9.40 -4.72
C MET A 21 30.38 -10.24 -4.51
N THR A 22 29.98 -10.43 -3.26
CA THR A 22 28.85 -11.28 -2.91
C THR A 22 27.71 -10.47 -2.30
N GLU A 23 26.49 -10.80 -2.70
CA GLU A 23 25.30 -10.09 -2.28
C GLU A 23 24.23 -11.10 -1.93
N TYR A 24 23.62 -10.94 -0.76
CA TYR A 24 22.63 -11.88 -0.25
C TYR A 24 21.24 -11.26 -0.29
N LYS A 25 20.28 -12.01 -0.84
CA LYS A 25 18.90 -11.56 -1.04
C LYS A 25 18.04 -12.11 0.09
N LEU A 26 17.80 -11.29 1.10
CA LEU A 26 17.04 -11.69 2.27
C LEU A 26 15.61 -11.19 2.19
N VAL A 27 14.71 -11.94 2.83
CA VAL A 27 13.29 -11.61 2.83
C VAL A 27 12.81 -11.61 4.28
N VAL A 28 11.92 -10.67 4.61
CA VAL A 28 11.33 -10.55 5.95
C VAL A 28 9.89 -11.01 5.87
N VAL A 29 9.53 -11.99 6.69
CA VAL A 29 8.18 -12.55 6.74
C VAL A 29 7.66 -12.44 8.17
N GLY A 30 6.45 -11.91 8.32
CA GLY A 30 5.89 -11.72 9.66
C GLY A 30 4.52 -11.10 9.56
N ALA A 31 3.77 -11.22 10.66
CA ALA A 31 2.42 -10.68 10.72
C ALA A 31 2.46 -9.16 10.75
N GLY A 32 1.49 -8.53 10.08
CA GLY A 32 1.42 -7.09 10.07
C GLY A 32 0.89 -6.51 11.37
N GLY A 33 0.91 -5.18 11.45
CA GLY A 33 0.33 -4.49 12.58
C GLY A 33 1.03 -4.67 13.91
N VAL A 34 2.30 -5.07 13.92
CA VAL A 34 3.10 -5.10 15.14
C VAL A 34 4.48 -4.53 14.84
N GLY A 35 4.58 -3.77 13.76
CA GLY A 35 5.79 -3.01 13.46
C GLY A 35 7.00 -3.83 13.07
N LYS A 36 6.82 -4.90 12.28
CA LYS A 36 7.97 -5.64 11.79
C LYS A 36 8.89 -4.78 10.93
N SER A 37 8.36 -3.73 10.31
CA SER A 37 9.18 -2.80 9.53
C SER A 37 10.31 -2.20 10.36
N ALA A 38 10.13 -2.10 11.68
CA ALA A 38 11.19 -1.59 12.54
C ALA A 38 12.48 -2.41 12.44
N LEU A 39 12.42 -3.66 11.97
CA LEU A 39 13.63 -4.47 11.94
C LEU A 39 14.61 -3.96 10.88
N THR A 40 14.22 -4.07 9.59
CA THR A 40 15.09 -3.62 8.50
C THR A 40 15.44 -2.14 8.63
N ILE A 41 14.45 -1.30 8.91
CA ILE A 41 14.68 0.14 9.04
C ILE A 41 15.83 0.40 10.02
N GLN A 42 15.73 -0.15 11.23
CA GLN A 42 16.79 0.02 12.21
C GLN A 42 18.14 -0.48 11.73
N LEU A 43 18.17 -1.57 10.96
CA LEU A 43 19.44 -2.06 10.47
C LEU A 43 20.09 -1.03 9.57
N ILE A 44 19.28 -0.35 8.76
CA ILE A 44 19.82 0.48 7.69
C ILE A 44 19.91 1.92 8.12
N GLN A 45 18.95 2.41 8.90
CA GLN A 45 19.06 3.71 9.55
C GLN A 45 20.45 3.85 10.14
N ASN A 46 21.33 4.51 9.39
CA ASN A 46 22.77 4.49 9.64
C ASN A 46 23.15 5.01 11.03
N HIS A 47 22.21 4.93 11.98
CA HIS A 47 22.42 5.15 13.41
C HIS A 47 22.57 6.64 13.64
N PHE A 48 21.90 7.18 14.66
CA PHE A 48 21.91 8.62 14.95
C PHE A 48 21.29 9.44 13.81
N VAL A 49 20.83 8.75 12.76
CA VAL A 49 20.09 9.38 11.67
C VAL A 49 18.68 8.80 11.67
N ASP A 50 17.72 9.59 11.19
CA ASP A 50 16.34 9.11 11.09
C ASP A 50 15.71 9.35 9.72
N GLU A 51 16.14 10.38 8.99
CA GLU A 51 15.56 10.78 7.71
C GLU A 51 15.48 9.59 6.75
N TYR A 52 14.55 8.68 7.03
CA TYR A 52 14.39 7.47 6.24
C TYR A 52 13.46 7.76 5.06
N ASP A 53 13.99 7.61 3.84
CA ASP A 53 13.18 7.71 2.63
C ASP A 53 13.06 6.33 1.99
N PRO A 54 11.93 5.64 2.13
CA PRO A 54 11.84 4.25 1.66
C PRO A 54 11.93 4.06 0.16
N THR A 55 11.89 5.15 -0.61
CA THR A 55 11.78 5.03 -2.06
C THR A 55 13.09 4.77 -2.78
N ILE A 56 14.23 5.11 -2.18
CA ILE A 56 15.52 5.03 -2.89
C ILE A 56 16.19 3.69 -2.63
N GLU A 57 17.38 3.50 -3.19
CA GLU A 57 18.09 2.22 -3.08
C GLU A 57 18.76 2.05 -1.71
N ASP A 58 19.45 3.07 -1.22
CA ASP A 58 20.11 2.96 0.08
C ASP A 58 19.15 2.58 1.20
N SER A 59 17.84 2.76 0.98
CA SER A 59 16.88 2.45 2.03
C SER A 59 16.71 0.96 2.28
N TYR A 60 17.16 0.11 1.35
CA TYR A 60 16.99 -1.32 1.50
C TYR A 60 18.18 -2.15 1.03
N ARG A 61 19.35 -1.54 0.80
CA ARG A 61 20.53 -2.28 0.37
C ARG A 61 21.77 -1.70 1.06
N LYS A 62 22.01 -2.16 2.29
CA LYS A 62 23.23 -1.86 3.01
C LYS A 62 24.36 -2.76 2.53
N GLN A 63 25.59 -2.41 2.91
CA GLN A 63 26.77 -3.22 2.64
C GLN A 63 27.56 -3.35 3.93
N VAL A 64 28.03 -4.57 4.24
CA VAL A 64 28.53 -4.86 5.58
C VAL A 64 29.71 -5.82 5.54
N VAL A 65 30.49 -5.77 6.62
CA VAL A 65 31.57 -6.72 6.89
C VAL A 65 31.05 -7.72 7.93
N ILE A 66 31.27 -9.00 7.66
CA ILE A 66 30.67 -10.10 8.40
C ILE A 66 31.75 -11.17 8.45
N ASP A 67 32.32 -11.39 9.64
CA ASP A 67 33.36 -12.41 9.84
C ASP A 67 34.50 -12.20 8.86
N GLY A 68 34.95 -10.96 8.73
CA GLY A 68 36.04 -10.65 7.83
C GLY A 68 35.61 -10.48 6.38
N GLU A 69 34.58 -11.19 5.96
CA GLU A 69 34.18 -11.14 4.55
C GLU A 69 33.16 -10.02 4.32
N THR A 70 33.31 -9.33 3.20
CA THR A 70 32.46 -8.20 2.86
C THR A 70 31.37 -8.63 1.88
N CYS A 71 30.17 -8.11 2.07
CA CYS A 71 29.04 -8.49 1.24
C CYS A 71 28.03 -7.35 1.23
N LEU A 72 26.98 -7.53 0.44
CA LEU A 72 25.93 -6.53 0.33
C LEU A 72 24.57 -7.18 0.62
N LEU A 73 23.85 -6.60 1.59
CA LEU A 73 22.56 -7.14 2.02
C LEU A 73 21.45 -6.49 1.21
N ASP A 74 20.54 -7.30 0.66
CA ASP A 74 19.39 -6.81 -0.09
C ASP A 74 18.14 -7.34 0.59
N ILE A 75 17.41 -6.46 1.26
CA ILE A 75 16.43 -6.85 2.28
C ILE A 75 15.04 -6.48 1.79
N LEU A 76 14.18 -7.49 1.61
CA LEU A 76 12.83 -7.28 1.11
C LEU A 76 11.85 -7.34 2.28
N ASP A 77 11.22 -6.21 2.59
CA ASP A 77 10.23 -6.12 3.66
C ASP A 77 8.94 -5.51 3.12
N THR A 78 7.97 -6.36 2.81
CA THR A 78 6.69 -5.95 2.22
C THR A 78 5.69 -5.51 3.28
N ALA A 79 6.19 -4.95 4.39
CA ALA A 79 5.30 -4.49 5.45
C ALA A 79 4.23 -3.57 4.87
N GLY A 80 2.98 -3.85 5.21
CA GLY A 80 1.85 -3.12 4.70
C GLY A 80 1.04 -3.83 3.63
N GLN A 81 1.58 -4.88 3.03
CA GLN A 81 0.89 -5.61 1.96
C GLN A 81 0.35 -6.95 2.43
N GLU A 82 0.13 -7.12 3.74
CA GLU A 82 -0.28 -8.40 4.30
C GLU A 82 -1.55 -8.93 3.65
N GLU A 83 -2.53 -8.05 3.41
CA GLU A 83 -3.80 -8.48 2.83
C GLU A 83 -3.63 -8.98 1.40
N TYR A 84 -2.49 -8.73 0.75
CA TYR A 84 -2.17 -9.31 -0.56
C TYR A 84 -1.57 -10.70 -0.36
N SER A 85 -2.40 -11.61 0.16
CA SER A 85 -1.87 -12.89 0.63
C SER A 85 -1.43 -13.81 -0.50
N ALA A 86 -2.17 -13.84 -1.61
CA ALA A 86 -1.80 -14.64 -2.77
C ALA A 86 -0.54 -14.09 -3.45
N MET A 87 0.03 -13.02 -2.89
CA MET A 87 1.32 -12.49 -3.34
C MET A 87 2.48 -12.95 -2.47
N ARG A 88 2.24 -13.75 -1.44
CA ARG A 88 3.34 -14.13 -0.55
C ARG A 88 4.33 -15.05 -1.26
N ASP A 89 3.82 -16.12 -1.89
CA ASP A 89 4.67 -17.03 -2.67
C ASP A 89 5.62 -16.24 -3.55
N GLN A 90 5.08 -15.44 -4.48
CA GLN A 90 5.90 -14.63 -5.37
C GLN A 90 7.00 -13.92 -4.59
N TYR A 91 6.60 -13.17 -3.56
CA TYR A 91 7.58 -12.43 -2.78
C TYR A 91 8.64 -13.38 -2.23
N MET A 92 8.20 -14.45 -1.55
CA MET A 92 9.15 -15.36 -0.94
C MET A 92 10.06 -15.99 -1.97
N ARG A 93 9.55 -16.21 -3.20
CA ARG A 93 10.36 -16.88 -4.21
C ARG A 93 11.66 -16.14 -4.47
N THR A 94 11.74 -14.86 -4.10
CA THR A 94 12.87 -14.04 -4.48
C THR A 94 14.04 -14.10 -3.51
N GLY A 95 13.97 -14.90 -2.46
CA GLY A 95 14.95 -14.85 -1.39
C GLY A 95 15.73 -16.15 -1.22
N GLU A 96 16.94 -16.02 -0.68
CA GLU A 96 17.75 -17.17 -0.31
C GLU A 96 17.93 -17.30 1.20
N GLY A 97 17.28 -16.44 1.98
CA GLY A 97 17.33 -16.45 3.43
C GLY A 97 16.21 -15.61 4.03
N PHE A 98 15.63 -16.06 5.14
CA PHE A 98 14.39 -15.47 5.62
C PHE A 98 14.50 -15.14 7.11
N LEU A 99 14.06 -13.94 7.48
CA LEU A 99 13.81 -13.59 8.87
C LEU A 99 12.32 -13.72 9.15
N CYS A 100 11.96 -14.65 10.04
CA CYS A 100 10.58 -14.86 10.46
C CYS A 100 10.36 -14.09 11.75
N VAL A 101 9.60 -12.99 11.66
CA VAL A 101 9.50 -11.99 12.71
C VAL A 101 8.13 -12.08 13.37
N PHE A 102 8.13 -12.08 14.69
CA PHE A 102 6.93 -11.96 15.51
C PHE A 102 7.21 -10.90 16.57
N ALA A 103 6.17 -10.46 17.24
CA ALA A 103 6.26 -9.45 18.28
C ALA A 103 6.12 -10.13 19.64
N ILE A 104 7.13 -9.95 20.50
CA ILE A 104 7.21 -10.69 21.75
C ILE A 104 6.16 -10.26 22.77
N ASN A 105 5.36 -9.24 22.43
CA ASN A 105 4.20 -8.90 23.25
C ASN A 105 2.90 -9.07 22.50
N ASN A 106 2.90 -9.87 21.43
CA ASN A 106 1.71 -10.22 20.67
C ASN A 106 1.81 -11.71 20.35
N THR A 107 0.99 -12.52 21.02
CA THR A 107 1.17 -13.97 20.92
C THR A 107 0.74 -14.51 19.56
N LYS A 108 -0.31 -13.94 18.97
CA LYS A 108 -0.79 -14.41 17.67
C LYS A 108 0.29 -14.27 16.59
N SER A 109 1.03 -13.16 16.62
CA SER A 109 2.10 -12.96 15.64
C SER A 109 3.16 -14.05 15.72
N PHE A 110 3.21 -14.77 16.85
CA PHE A 110 4.11 -15.88 17.12
C PHE A 110 3.55 -17.21 16.64
N GLU A 111 2.24 -17.45 16.85
CA GLU A 111 1.59 -18.64 16.30
C GLU A 111 1.49 -18.59 14.79
N ASP A 112 1.55 -17.40 14.18
CA ASP A 112 1.61 -17.28 12.72
C ASP A 112 2.89 -17.88 12.14
N ILE A 113 3.91 -18.06 12.98
CA ILE A 113 5.27 -18.37 12.51
C ILE A 113 5.30 -19.73 11.81
N HIS A 114 4.60 -20.71 12.39
CA HIS A 114 4.69 -22.07 11.84
C HIS A 114 4.19 -22.11 10.40
N GLN A 115 2.98 -21.61 10.16
CA GLN A 115 2.47 -21.55 8.79
C GLN A 115 3.38 -20.75 7.89
N TYR A 116 3.94 -19.64 8.40
CA TYR A 116 4.87 -18.88 7.55
C TYR A 116 6.02 -19.76 7.09
N ARG A 117 6.62 -20.51 8.01
CA ARG A 117 7.73 -21.40 7.67
C ARG A 117 7.30 -22.48 6.70
N GLU A 118 6.10 -23.03 6.91
CA GLU A 118 5.56 -24.01 5.97
C GLU A 118 5.51 -23.44 4.56
N GLN A 119 5.08 -22.18 4.45
CA GLN A 119 5.01 -21.52 3.14
C GLN A 119 6.39 -21.35 2.52
N ILE A 120 7.37 -20.90 3.33
CA ILE A 120 8.73 -20.71 2.82
C ILE A 120 9.30 -22.01 2.30
N LYS A 121 9.15 -23.08 3.09
CA LYS A 121 9.68 -24.38 2.70
C LYS A 121 9.03 -24.86 1.41
N ARG A 122 7.71 -24.70 1.30
CA ARG A 122 7.03 -25.13 0.08
C ARG A 122 7.52 -24.37 -1.12
N VAL A 123 7.70 -23.07 -0.96
CA VAL A 123 8.12 -22.24 -2.09
C VAL A 123 9.51 -22.63 -2.56
N LYS A 124 10.49 -22.61 -1.64
CA LYS A 124 11.86 -22.85 -2.03
C LYS A 124 12.17 -24.32 -2.28
N ASP A 125 11.22 -25.22 -2.01
CA ASP A 125 11.31 -26.64 -2.34
C ASP A 125 12.42 -27.34 -1.56
N SER A 126 12.81 -26.81 -0.42
CA SER A 126 13.72 -27.49 0.48
C SER A 126 13.08 -27.66 1.84
N ASP A 127 13.67 -28.53 2.66
CA ASP A 127 13.26 -28.70 4.04
C ASP A 127 14.16 -27.98 5.03
N ASP A 128 15.33 -27.51 4.61
CA ASP A 128 16.11 -26.58 5.40
C ASP A 128 16.57 -25.42 4.50
N VAL A 129 15.79 -24.34 4.55
CA VAL A 129 16.14 -23.07 3.93
C VAL A 129 16.85 -22.26 5.01
N PRO A 130 17.92 -21.52 4.69
CA PRO A 130 18.52 -20.65 5.70
C PRO A 130 17.49 -19.66 6.21
N MET A 131 17.22 -19.72 7.50
CA MET A 131 16.28 -18.78 8.07
C MET A 131 16.53 -18.70 9.56
N VAL A 132 16.15 -17.56 10.13
CA VAL A 132 16.35 -17.32 11.54
C VAL A 132 15.03 -16.81 12.11
N LEU A 133 14.82 -17.06 13.40
CA LEU A 133 13.61 -16.63 14.06
C LEU A 133 13.94 -15.43 14.94
N VAL A 134 13.29 -14.30 14.66
CA VAL A 134 13.55 -13.04 15.34
C VAL A 134 12.27 -12.58 16.02
N GLY A 135 12.34 -12.33 17.32
CA GLY A 135 11.25 -11.76 18.09
C GLY A 135 11.57 -10.34 18.52
N ASN A 136 10.62 -9.44 18.27
CA ASN A 136 10.86 -7.99 18.29
C ASN A 136 10.17 -7.38 19.52
N LYS A 137 10.91 -6.57 20.26
CA LYS A 137 10.36 -5.91 21.44
C LYS A 137 10.29 -4.40 21.24
N ALA A 141 5.43 -1.75 25.81
CA ALA A 141 4.31 -2.68 25.96
C ALA A 141 4.79 -3.96 26.63
N ALA A 142 3.84 -4.75 27.13
CA ALA A 142 4.17 -5.83 28.05
C ALA A 142 4.26 -7.18 27.35
N ARG A 143 5.36 -7.90 27.62
CA ARG A 143 5.70 -9.13 26.92
C ARG A 143 4.71 -10.25 27.24
N THR A 144 4.35 -11.03 26.21
CA THR A 144 3.48 -12.20 26.38
C THR A 144 4.06 -13.47 25.78
N VAL A 145 5.22 -13.40 25.14
CA VAL A 145 5.90 -14.58 24.61
C VAL A 145 7.20 -14.69 25.39
N GLU A 146 7.27 -15.66 26.31
CA GLU A 146 8.49 -15.79 27.10
C GLU A 146 9.62 -16.31 26.23
N SER A 147 10.84 -15.95 26.61
CA SER A 147 12.00 -16.28 25.78
C SER A 147 12.18 -17.79 25.64
N ARG A 148 11.86 -18.55 26.70
CA ARG A 148 12.04 -20.01 26.63
C ARG A 148 11.09 -20.64 25.62
N GLN A 149 9.87 -20.09 25.46
CA GLN A 149 8.95 -20.57 24.43
C GLN A 149 9.57 -20.50 23.04
N ALA A 150 9.97 -19.29 22.63
CA ALA A 150 10.53 -19.12 21.30
C ALA A 150 11.89 -19.79 21.16
N GLN A 151 12.61 -19.96 22.27
CA GLN A 151 13.84 -20.74 22.25
C GLN A 151 13.55 -22.19 21.86
N ASP A 152 12.56 -22.80 22.52
CA ASP A 152 12.11 -24.13 22.18
C ASP A 152 11.63 -24.21 20.74
N LEU A 153 10.84 -23.21 20.31
CA LEU A 153 10.28 -23.24 18.96
C LEU A 153 11.37 -23.17 17.91
N ALA A 154 12.39 -22.35 18.14
CA ALA A 154 13.52 -22.31 17.22
C ALA A 154 14.25 -23.65 17.20
N ARG A 155 14.46 -24.25 18.38
CA ARG A 155 15.19 -25.51 18.41
C ARG A 155 14.45 -26.60 17.65
N SER A 156 13.12 -26.61 17.70
CA SER A 156 12.36 -27.62 16.98
C SER A 156 12.60 -27.54 15.47
N TYR A 157 12.99 -26.35 14.96
CA TYR A 157 13.20 -26.18 13.54
C TYR A 157 14.65 -26.34 13.11
N GLY A 158 15.58 -26.40 14.06
CA GLY A 158 16.99 -26.34 13.71
C GLY A 158 17.46 -25.00 13.21
N ILE A 159 16.81 -23.91 13.61
CA ILE A 159 17.18 -22.57 13.19
C ILE A 159 17.48 -21.76 14.44
N PRO A 160 18.26 -20.68 14.32
CA PRO A 160 18.62 -19.89 15.51
C PRO A 160 17.47 -18.98 15.93
N TYR A 161 17.67 -18.33 17.08
CA TYR A 161 16.71 -17.40 17.63
C TYR A 161 17.45 -16.15 18.09
N ILE A 162 16.91 -14.99 17.75
CA ILE A 162 17.48 -13.71 18.14
C ILE A 162 16.37 -12.79 18.61
N GLU A 163 16.54 -12.22 19.79
CA GLU A 163 15.67 -11.16 20.26
C GLU A 163 16.29 -9.81 19.92
N THR A 164 15.45 -8.90 19.45
CA THR A 164 15.87 -7.58 19.03
C THR A 164 15.02 -6.53 19.72
N SER A 165 15.63 -5.38 20.00
CA SER A 165 14.91 -4.26 20.60
C SER A 165 14.49 -3.29 19.51
N ALA A 166 13.21 -2.93 19.50
CA ALA A 166 12.68 -1.98 18.54
C ALA A 166 12.93 -0.53 18.92
N LYS A 167 13.85 -0.27 19.85
CA LYS A 167 14.01 1.09 20.36
C LYS A 167 15.45 1.37 20.79
N THR A 168 16.28 0.34 20.90
CA THR A 168 17.68 0.51 21.27
C THR A 168 18.67 -0.14 20.30
N ARG A 169 18.19 -0.68 19.19
CA ARG A 169 18.97 -1.38 18.16
C ARG A 169 19.66 -2.64 18.66
N GLN A 170 19.45 -3.04 19.92
CA GLN A 170 20.08 -4.26 20.40
C GLN A 170 19.55 -5.47 19.65
N GLY A 171 20.48 -6.34 19.21
CA GLY A 171 20.14 -7.56 18.51
C GLY A 171 19.86 -7.42 17.04
N VAL A 172 19.73 -6.20 16.51
CA VAL A 172 19.37 -6.00 15.11
C VAL A 172 20.48 -6.52 14.19
N GLU A 173 21.67 -5.92 14.31
CA GLU A 173 22.84 -6.41 13.59
C GLU A 173 23.05 -7.89 13.82
N ASP A 174 22.91 -8.33 15.06
CA ASP A 174 23.09 -9.72 15.42
C ASP A 174 22.18 -10.61 14.60
N ALA A 175 20.89 -10.25 14.54
CA ALA A 175 19.92 -11.05 13.79
C ALA A 175 20.32 -11.17 12.33
N PHE A 176 20.61 -10.03 11.69
CA PHE A 176 20.87 -10.08 10.25
C PHE A 176 22.16 -10.84 9.95
N TYR A 177 23.23 -10.57 10.70
CA TYR A 177 24.48 -11.28 10.48
C TYR A 177 24.31 -12.78 10.70
N THR A 178 23.50 -13.17 11.69
CA THR A 178 23.23 -14.58 11.93
C THR A 178 22.60 -15.23 10.70
N LEU A 179 21.64 -14.56 10.08
CA LEU A 179 21.06 -15.15 8.87
C LEU A 179 22.11 -15.28 7.77
N VAL A 180 22.98 -14.28 7.63
CA VAL A 180 24.06 -14.38 6.64
C VAL A 180 24.92 -15.60 6.90
N ARG A 181 25.31 -15.80 8.16
CA ARG A 181 26.12 -16.96 8.53
C ARG A 181 25.39 -18.27 8.24
N GLU A 182 24.06 -18.29 8.43
CA GLU A 182 23.28 -19.48 8.10
C GLU A 182 23.37 -19.80 6.61
N ILE A 183 23.27 -18.77 5.76
CA ILE A 183 23.45 -19.02 4.33
C ILE A 183 24.86 -19.50 4.05
N ARG A 184 25.86 -18.97 4.77
CA ARG A 184 27.25 -19.29 4.46
C ARG A 184 27.65 -20.69 4.92
N GLN A 185 26.89 -21.28 5.85
CA GLN A 185 27.27 -22.62 6.28
C GLN A 185 26.34 -23.69 5.70
N HIS A 186 25.70 -23.39 4.57
CA HIS A 186 24.63 -24.25 4.08
C HIS A 186 25.16 -25.28 3.09
N MET B 25 5.78 45.43 12.70
CA MET B 25 4.52 45.87 13.30
C MET B 25 4.61 45.73 14.82
N ARG B 26 3.51 45.40 15.47
CA ARG B 26 3.53 45.19 16.92
C ARG B 26 2.26 44.44 17.34
N LEU B 27 2.44 43.36 18.08
CA LEU B 27 1.43 42.35 18.34
C LEU B 27 1.03 42.33 19.82
N PRO B 28 -0.10 41.66 20.16
CA PRO B 28 -0.48 41.51 21.58
C PRO B 28 0.56 40.79 22.43
N SER B 29 0.25 40.60 23.71
CA SER B 29 1.27 40.37 24.74
C SER B 29 1.64 38.91 24.95
N ALA B 30 1.13 37.97 24.15
CA ALA B 30 1.35 36.53 24.30
C ALA B 30 0.77 35.99 25.60
N ASP B 31 -0.11 36.74 26.26
CA ASP B 31 -0.77 36.31 27.48
C ASP B 31 -2.29 36.35 27.38
N VAL B 32 -2.82 36.95 26.31
CA VAL B 32 -4.23 36.82 25.96
C VAL B 32 -4.24 36.39 24.49
N TYR B 33 -3.08 35.97 23.99
CA TYR B 33 -2.97 35.52 22.60
C TYR B 33 -1.72 34.66 22.47
N ARG B 34 -1.89 33.34 22.38
CA ARG B 34 -0.76 32.43 22.36
C ARG B 34 0.07 32.56 21.09
N PHE B 35 -0.60 32.77 19.95
CA PHE B 35 0.11 32.84 18.68
C PHE B 35 1.00 34.08 18.58
N ALA B 36 0.73 35.09 19.40
CA ALA B 36 1.50 36.34 19.35
C ALA B 36 2.98 36.08 19.58
N GLU B 37 3.31 35.17 20.50
CA GLU B 37 4.67 34.71 20.78
C GLU B 37 5.42 34.46 19.48
N PRO B 38 6.70 34.85 19.39
CA PRO B 38 7.37 34.89 18.08
C PRO B 38 8.22 33.66 17.76
N ASP B 39 8.52 33.49 16.47
CA ASP B 39 9.36 32.38 16.02
C ASP B 39 10.66 32.32 16.80
N SER B 40 11.16 31.10 16.99
CA SER B 40 12.45 30.87 17.62
C SER B 40 12.88 29.44 17.30
N GLU B 41 14.08 29.08 17.76
CA GLU B 41 14.59 27.73 17.48
C GLU B 41 13.75 26.67 18.18
N GLU B 42 13.15 27.00 19.32
CA GLU B 42 12.24 26.13 20.04
C GLU B 42 10.82 26.16 19.46
N ASN B 43 10.64 26.70 18.25
CA ASN B 43 9.32 26.97 17.71
C ASN B 43 9.10 26.38 16.32
N ILE B 44 9.96 26.73 15.36
CA ILE B 44 9.79 26.32 13.97
C ILE B 44 11.17 26.08 13.35
N ILE B 45 11.22 25.12 12.42
CA ILE B 45 12.41 24.82 11.63
C ILE B 45 12.00 24.58 10.18
N PHE B 46 12.85 25.02 9.24
CA PHE B 46 12.59 24.99 7.80
C PHE B 46 13.68 24.23 7.05
N GLU B 47 13.56 24.24 5.72
CA GLU B 47 14.43 23.50 4.82
C GLU B 47 15.45 24.42 4.14
N GLU B 48 15.52 24.32 2.80
CA GLU B 48 16.60 24.96 2.04
C GLU B 48 16.12 25.93 0.97
N ASN B 49 16.62 25.71 -0.25
CA ASN B 49 16.22 26.38 -1.50
C ASN B 49 15.79 27.85 -1.37
N GLY B 55 11.09 31.29 -2.75
CA GLY B 55 9.64 31.30 -2.68
C GLY B 55 9.10 31.35 -1.27
N ILE B 56 8.01 30.61 -1.03
CA ILE B 56 7.44 30.53 0.30
C ILE B 56 8.17 29.42 1.09
N PRO B 57 8.61 29.70 2.31
CA PRO B 57 9.51 28.77 3.00
C PRO B 57 8.79 27.55 3.57
N ILE B 58 9.47 26.39 3.48
CA ILE B 58 8.87 25.10 3.79
C ILE B 58 9.17 24.73 5.24
N ILE B 59 8.13 24.32 5.96
CA ILE B 59 8.27 23.97 7.38
C ILE B 59 8.85 22.56 7.49
N LYS B 60 10.02 22.46 8.14
CA LYS B 60 10.48 21.14 8.58
C LYS B 60 9.67 20.66 9.78
N ALA B 61 9.53 21.51 10.80
CA ALA B 61 8.81 21.10 12.00
C ALA B 61 8.45 22.32 12.83
N GLY B 62 7.62 22.09 13.85
CA GLY B 62 7.25 23.14 14.78
C GLY B 62 6.09 22.82 15.71
N THR B 63 6.03 23.50 16.86
CA THR B 63 4.92 23.33 17.79
C THR B 63 3.59 23.51 17.06
N VAL B 64 2.54 22.90 17.62
CA VAL B 64 1.23 22.97 16.97
C VAL B 64 0.74 24.40 16.92
N ILE B 65 0.99 25.19 17.96
CA ILE B 65 0.69 26.62 17.96
C ILE B 65 1.28 27.27 16.71
N LYS B 66 2.57 27.05 16.49
CA LYS B 66 3.29 27.68 15.40
C LYS B 66 2.95 27.08 14.04
N LEU B 67 2.27 25.93 14.01
CA LEU B 67 1.76 25.38 12.76
C LEU B 67 0.42 25.99 12.38
N ILE B 68 -0.50 26.13 13.35
CA ILE B 68 -1.71 26.91 13.07
C ILE B 68 -1.34 28.33 12.66
N GLU B 69 -0.25 28.87 13.20
CA GLU B 69 0.15 30.23 12.82
C GLU B 69 0.46 30.32 11.33
N ARG B 70 1.55 29.67 10.87
CA ARG B 70 1.88 29.69 9.45
C ARG B 70 0.77 29.13 8.57
N LEU B 71 -0.17 28.35 9.12
CA LEU B 71 -1.33 27.91 8.36
C LEU B 71 -2.32 29.04 8.11
N THR B 72 -2.33 30.05 8.96
CA THR B 72 -3.14 31.24 8.80
C THR B 72 -2.28 32.49 8.93
N TYR B 73 -1.07 32.42 8.37
CA TYR B 73 -0.12 33.54 8.41
C TYR B 73 -0.71 34.79 7.78
N HIS B 74 -0.32 35.94 8.31
CA HIS B 74 -0.82 37.22 7.83
C HIS B 74 -0.04 37.76 6.63
N MET B 75 1.18 37.28 6.40
CA MET B 75 1.99 37.83 5.33
C MET B 75 1.75 37.15 3.98
N TYR B 76 1.27 35.90 3.98
CA TYR B 76 0.97 35.25 2.71
C TYR B 76 0.04 34.07 2.91
N ALA B 77 -0.83 33.84 1.93
CA ALA B 77 -1.63 32.63 1.86
C ALA B 77 -0.76 31.47 1.38
N ASP B 78 -1.23 30.25 1.62
CA ASP B 78 -0.41 29.05 1.47
C ASP B 78 -1.31 27.86 1.16
N PRO B 79 -2.00 27.90 0.02
CA PRO B 79 -3.01 26.85 -0.26
C PRO B 79 -2.43 25.44 -0.26
N ASN B 80 -1.17 25.29 -0.64
CA ASN B 80 -0.52 23.99 -0.69
C ASN B 80 -0.36 23.41 0.72
N PHE B 81 0.39 24.12 1.57
CA PHE B 81 0.53 23.77 2.97
C PHE B 81 -0.82 23.55 3.65
N VAL B 82 -1.88 24.24 3.22
CA VAL B 82 -3.19 24.04 3.78
C VAL B 82 -3.74 22.66 3.39
N ARG B 83 -3.72 22.33 2.10
CA ARG B 83 -4.16 21.01 1.68
C ARG B 83 -3.39 19.91 2.42
N THR B 84 -2.06 20.05 2.48
CA THR B 84 -1.23 19.02 3.11
C THR B 84 -1.54 18.88 4.59
N PHE B 85 -1.54 19.99 5.33
CA PHE B 85 -1.89 19.97 6.75
C PHE B 85 -3.23 19.28 6.97
N LEU B 86 -4.24 19.66 6.19
CA LEU B 86 -5.55 19.08 6.42
C LEU B 86 -5.57 17.59 6.11
N THR B 87 -4.75 17.14 5.15
CA THR B 87 -4.75 15.72 4.84
C THR B 87 -4.15 14.87 5.95
N THR B 88 -3.19 15.41 6.70
CA THR B 88 -2.29 14.58 7.51
C THR B 88 -2.18 15.02 8.96
N TYR B 89 -3.21 15.61 9.57
CA TYR B 89 -2.98 16.22 10.88
C TYR B 89 -3.45 15.38 12.07
N ARG B 90 -4.37 14.45 11.87
CA ARG B 90 -4.96 13.74 13.00
C ARG B 90 -3.97 12.78 13.66
N SER B 91 -2.78 12.63 13.08
CA SER B 91 -1.71 11.90 13.71
C SER B 91 -0.93 12.76 14.70
N PHE B 92 -1.35 14.01 14.91
CA PHE B 92 -0.79 14.86 15.97
C PHE B 92 -1.77 15.87 16.54
N CYS B 93 -2.93 16.07 15.92
CA CYS B 93 -3.94 16.98 16.45
C CYS B 93 -5.30 16.35 16.27
N LYS B 94 -6.08 16.27 17.35
CA LYS B 94 -7.44 15.77 17.20
C LYS B 94 -8.31 16.83 16.53
N PRO B 95 -9.29 16.42 15.72
CA PRO B 95 -10.12 17.41 15.02
C PRO B 95 -10.75 18.46 15.93
N GLN B 96 -11.22 18.04 17.11
CA GLN B 96 -11.74 18.99 18.08
C GLN B 96 -10.68 19.99 18.51
N GLU B 97 -9.49 19.49 18.86
CA GLU B 97 -8.39 20.39 19.18
C GLU B 97 -8.11 21.34 18.02
N LEU B 98 -8.23 20.84 16.79
CA LEU B 98 -7.98 21.70 15.63
C LEU B 98 -8.97 22.86 15.60
N LEU B 99 -10.26 22.56 15.76
CA LEU B 99 -11.26 23.63 15.76
C LEU B 99 -10.99 24.62 16.89
N SER B 100 -10.68 24.12 18.08
CA SER B 100 -10.41 25.01 19.20
C SER B 100 -9.22 25.92 18.92
N LEU B 101 -8.17 25.36 18.31
CA LEU B 101 -6.98 26.15 18.01
C LEU B 101 -7.26 27.23 16.97
N ILE B 102 -7.97 26.88 15.89
CA ILE B 102 -8.20 27.89 14.86
C ILE B 102 -9.18 28.95 15.36
N ILE B 103 -10.10 28.60 16.25
CA ILE B 103 -10.95 29.61 16.86
C ILE B 103 -10.16 30.53 17.77
N GLU B 104 -9.25 29.96 18.58
CA GLU B 104 -8.39 30.80 19.40
C GLU B 104 -7.51 31.71 18.54
N ARG B 105 -7.12 31.23 17.36
CA ARG B 105 -6.38 32.07 16.43
C ARG B 105 -7.25 33.22 15.91
N PHE B 106 -8.53 32.94 15.69
CA PHE B 106 -9.42 33.93 15.08
C PHE B 106 -9.70 35.09 16.04
N GLU B 107 -10.05 34.80 17.29
CA GLU B 107 -10.40 35.81 18.28
C GLU B 107 -9.12 36.49 18.77
N ILE B 108 -8.83 37.68 18.24
CA ILE B 108 -7.56 38.35 18.51
C ILE B 108 -7.80 39.53 19.45
N PRO B 109 -6.95 39.72 20.47
CA PRO B 109 -7.01 40.97 21.23
C PRO B 109 -6.27 42.09 20.53
N GLU B 110 -6.59 43.30 20.94
CA GLU B 110 -5.86 44.42 20.37
C GLU B 110 -4.82 44.96 21.36
N PRO B 111 -3.75 45.59 20.86
CA PRO B 111 -2.71 46.24 21.66
C PRO B 111 -3.17 47.58 22.23
N ALA B 130 -5.35 57.06 17.30
CA ALA B 130 -5.83 55.72 16.88
C ALA B 130 -5.05 55.26 15.65
N GLU B 131 -3.80 54.84 15.86
CA GLU B 131 -2.95 54.32 14.75
C GLU B 131 -2.95 52.79 14.80
N LEU B 132 -4.12 52.20 15.07
CA LEU B 132 -4.28 50.72 15.10
C LEU B 132 -4.81 50.26 13.74
N LYS B 133 -4.92 51.18 12.78
CA LYS B 133 -5.40 50.88 11.41
C LYS B 133 -4.45 49.85 10.78
N ARG B 134 -3.14 50.00 10.99
CA ARG B 134 -2.14 49.04 10.48
C ARG B 134 -2.51 47.63 10.95
N PHE B 135 -2.84 47.46 12.23
CA PHE B 135 -3.23 46.13 12.78
C PHE B 135 -4.44 45.56 12.04
N ARG B 136 -5.64 46.09 12.30
CA ARG B 136 -6.81 45.58 11.59
C ARG B 136 -6.64 45.52 10.08
N LYS B 137 -5.61 46.14 9.53
CA LYS B 137 -5.38 46.12 8.09
C LYS B 137 -4.33 45.09 7.69
N GLU B 138 -3.29 44.94 8.49
CA GLU B 138 -2.20 44.03 8.15
C GLU B 138 -2.11 42.83 9.09
N TYR B 139 -3.13 42.60 9.92
CA TYR B 139 -3.17 41.42 10.78
C TYR B 139 -4.59 40.89 10.95
N ILE B 140 -5.36 41.53 11.84
CA ILE B 140 -6.74 41.14 12.16
C ILE B 140 -7.53 40.70 10.94
N GLN B 141 -7.20 41.22 9.77
CA GLN B 141 -8.11 41.04 8.65
C GLN B 141 -7.63 39.90 7.74
N PRO B 142 -6.33 39.87 7.32
CA PRO B 142 -5.86 38.69 6.57
C PRO B 142 -5.79 37.42 7.40
N VAL B 143 -5.45 37.52 8.69
CA VAL B 143 -5.44 36.33 9.55
C VAL B 143 -6.83 35.71 9.60
N GLN B 144 -7.85 36.55 9.75
CA GLN B 144 -9.22 36.05 9.76
C GLN B 144 -9.62 35.49 8.40
N LEU B 145 -9.19 36.14 7.31
CA LEU B 145 -9.34 35.55 5.98
C LEU B 145 -8.86 34.10 5.98
N ARG B 146 -7.60 33.88 6.34
CA ARG B 146 -7.02 32.53 6.28
C ARG B 146 -7.75 31.55 7.18
N VAL B 147 -8.15 31.98 8.38
CA VAL B 147 -8.87 31.07 9.28
C VAL B 147 -10.17 30.59 8.64
N LEU B 148 -10.98 31.55 8.17
CA LEU B 148 -12.20 31.21 7.46
C LEU B 148 -11.92 30.33 6.26
N ASN B 149 -10.83 30.61 5.56
CA ASN B 149 -10.53 29.94 4.30
C ASN B 149 -9.98 28.54 4.54
N VAL B 150 -9.52 28.27 5.77
CA VAL B 150 -9.17 26.93 6.21
C VAL B 150 -10.43 26.14 6.57
N CYS B 151 -11.38 26.78 7.25
CA CYS B 151 -12.68 26.12 7.42
C CYS B 151 -13.30 25.79 6.07
N ARG B 152 -13.12 26.67 5.08
CA ARG B 152 -13.56 26.38 3.71
C ARG B 152 -13.06 25.02 3.25
N HIS B 153 -11.74 24.84 3.26
CA HIS B 153 -11.11 23.61 2.78
C HIS B 153 -11.54 22.42 3.62
N TRP B 154 -11.37 22.53 4.95
CA TRP B 154 -11.74 21.45 5.88
C TRP B 154 -13.14 20.94 5.62
N VAL B 155 -14.11 21.85 5.47
CA VAL B 155 -15.48 21.46 5.23
C VAL B 155 -15.65 20.90 3.81
N GLU B 156 -14.88 21.42 2.86
CA GLU B 156 -15.09 21.07 1.45
C GLU B 156 -14.54 19.70 1.12
N HIS B 157 -13.25 19.49 1.31
CA HIS B 157 -12.60 18.27 0.85
C HIS B 157 -12.58 17.18 1.92
N HIS B 158 -12.72 17.55 3.19
CA HIS B 158 -12.50 16.63 4.30
C HIS B 158 -13.75 16.51 5.16
N PHE B 159 -14.91 16.44 4.54
CA PHE B 159 -16.13 16.52 5.32
C PHE B 159 -16.32 15.31 6.22
N TYR B 160 -15.56 14.23 6.01
CA TYR B 160 -15.74 13.01 6.79
C TYR B 160 -15.44 13.22 8.27
N ASP B 161 -14.72 14.30 8.63
CA ASP B 161 -14.49 14.59 10.03
C ASP B 161 -15.79 14.98 10.73
N PHE B 162 -16.71 15.60 10.00
CA PHE B 162 -17.98 16.08 10.57
C PHE B 162 -19.08 15.04 10.53
N GLU B 163 -19.01 14.09 9.58
CA GLU B 163 -19.97 13.00 9.56
C GLU B 163 -19.75 12.04 10.72
N ARG B 164 -18.51 11.94 11.20
CA ARG B 164 -18.16 11.05 12.29
C ARG B 164 -18.43 11.70 13.65
N ASP B 165 -18.09 12.98 13.79
CA ASP B 165 -18.37 13.74 15.01
C ASP B 165 -19.42 14.80 14.69
N ALA B 166 -20.64 14.60 15.20
CA ALA B 166 -21.73 15.53 14.93
C ALA B 166 -21.58 16.82 15.74
N TYR B 167 -21.14 16.72 16.99
CA TYR B 167 -20.88 17.92 17.77
C TYR B 167 -19.69 18.72 17.26
N LEU B 168 -18.76 18.08 16.54
CA LEU B 168 -17.73 18.84 15.82
C LEU B 168 -18.36 19.78 14.80
N LEU B 169 -19.24 19.24 13.95
CA LEU B 169 -19.99 20.07 13.00
C LEU B 169 -20.80 21.14 13.73
N GLN B 170 -21.33 20.81 14.90
CA GLN B 170 -22.13 21.77 15.65
C GLN B 170 -21.27 22.95 16.12
N ARG B 171 -20.08 22.66 16.64
CA ARG B 171 -19.14 23.72 16.98
C ARG B 171 -18.77 24.55 15.75
N MET B 172 -18.55 23.89 14.61
CA MET B 172 -18.24 24.61 13.39
C MET B 172 -19.34 25.59 13.01
N GLU B 173 -20.59 25.13 13.10
CA GLU B 173 -21.71 25.96 12.68
C GLU B 173 -21.91 27.13 13.64
N GLU B 174 -21.69 26.88 14.94
CA GLU B 174 -21.70 27.97 15.91
C GLU B 174 -20.63 29.01 15.57
N PHE B 175 -19.38 28.56 15.41
CA PHE B 175 -18.28 29.48 15.11
C PHE B 175 -18.53 30.26 13.84
N ILE B 176 -19.06 29.61 12.81
CA ILE B 176 -19.47 30.33 11.61
C ILE B 176 -20.49 31.40 11.96
N GLY B 177 -21.54 31.03 12.70
CA GLY B 177 -22.59 31.96 13.04
C GLY B 177 -22.25 33.01 14.08
N THR B 178 -21.00 33.06 14.54
CA THR B 178 -20.55 34.21 15.34
C THR B 178 -19.53 35.08 14.62
N VAL B 179 -19.50 35.08 13.29
CA VAL B 179 -18.62 35.95 12.54
C VAL B 179 -19.34 37.25 12.25
N ARG B 180 -18.64 38.39 12.34
CA ARG B 180 -19.33 39.66 12.24
C ARG B 180 -18.50 40.68 11.49
N GLY B 181 -19.21 41.66 10.92
CA GLY B 181 -18.70 42.50 9.85
C GLY B 181 -19.49 42.25 8.59
N LYS B 182 -20.10 43.30 8.03
CA LYS B 182 -21.03 43.12 6.91
C LYS B 182 -20.34 42.45 5.71
N ALA B 183 -19.02 42.60 5.59
CA ALA B 183 -18.28 41.89 4.56
C ALA B 183 -18.07 40.43 4.92
N MET B 184 -17.74 40.18 6.19
CA MET B 184 -17.55 38.83 6.71
C MET B 184 -18.76 37.94 6.43
N LYS B 185 -19.96 38.46 6.70
CA LYS B 185 -21.18 37.66 6.50
C LYS B 185 -21.29 37.20 5.05
N LYS B 186 -21.09 38.11 4.11
CA LYS B 186 -21.23 37.77 2.71
C LYS B 186 -20.15 36.80 2.27
N TRP B 187 -18.96 36.88 2.86
CA TRP B 187 -17.94 35.88 2.53
C TRP B 187 -18.32 34.51 3.07
N VAL B 188 -18.77 34.46 4.33
CA VAL B 188 -18.97 33.21 5.05
C VAL B 188 -20.25 32.50 4.60
N GLU B 189 -21.17 33.25 3.97
CA GLU B 189 -22.41 32.71 3.44
C GLU B 189 -22.15 31.49 2.55
N SER B 190 -21.09 31.55 1.74
CA SER B 190 -20.75 30.45 0.84
C SER B 190 -20.19 29.24 1.60
N ILE B 191 -19.36 29.51 2.61
CA ILE B 191 -18.89 28.44 3.50
C ILE B 191 -20.07 27.68 4.08
N THR B 192 -21.15 28.39 4.39
CA THR B 192 -22.35 27.71 4.88
C THR B 192 -23.07 26.93 3.78
N LYS B 193 -23.09 27.47 2.55
CA LYS B 193 -23.61 26.69 1.42
C LYS B 193 -22.96 25.32 1.34
N ILE B 194 -21.63 25.28 1.49
CA ILE B 194 -20.93 24.00 1.35
C ILE B 194 -21.40 23.00 2.40
N ILE B 195 -21.56 23.46 3.65
CA ILE B 195 -22.00 22.57 4.72
C ILE B 195 -23.38 22.01 4.42
N GLN B 196 -24.31 22.87 3.99
CA GLN B 196 -25.64 22.37 3.68
C GLN B 196 -25.63 21.45 2.47
N ARG B 197 -24.66 21.63 1.56
CA ARG B 197 -24.52 20.69 0.45
C ARG B 197 -24.12 19.31 0.94
N LYS B 198 -22.99 19.23 1.66
CA LYS B 198 -22.45 17.94 2.09
C LYS B 198 -23.36 17.18 3.03
N LYS B 199 -24.27 17.85 3.74
CA LYS B 199 -25.13 17.19 4.72
C LYS B 199 -26.20 16.31 4.09
N ILE B 200 -26.08 15.99 2.81
CA ILE B 200 -27.02 15.09 2.13
C ILE B 200 -26.27 14.05 1.34
N PHE B 212 -15.71 12.33 -24.72
CA PHE B 212 -14.88 11.23 -25.20
C PHE B 212 -14.39 11.52 -26.62
N GLN B 213 -13.50 10.69 -27.15
CA GLN B 213 -13.08 10.91 -28.53
C GLN B 213 -13.95 10.10 -29.50
N SER B 214 -13.63 8.82 -29.72
CA SER B 214 -14.47 7.95 -30.53
C SER B 214 -15.25 7.04 -29.62
N SER B 215 -16.21 6.33 -30.19
CA SER B 215 -17.04 5.43 -29.38
C SER B 215 -16.18 4.28 -28.84
N PRO B 216 -16.38 3.87 -27.59
CA PRO B 216 -15.56 2.80 -27.04
C PRO B 216 -15.74 1.52 -27.85
N PRO B 217 -14.67 0.74 -28.01
CA PRO B 217 -14.73 -0.43 -28.92
C PRO B 217 -15.82 -1.42 -28.55
N THR B 218 -16.22 -2.20 -29.54
CA THR B 218 -17.29 -3.17 -29.36
C THR B 218 -16.90 -4.23 -28.34
N VAL B 219 -17.87 -4.57 -27.48
CA VAL B 219 -17.72 -5.73 -26.61
C VAL B 219 -17.46 -6.96 -27.47
N GLU B 220 -16.56 -7.83 -26.99
CA GLU B 220 -16.15 -9.02 -27.73
C GLU B 220 -16.74 -10.26 -27.08
N TRP B 221 -17.19 -11.20 -27.92
CA TRP B 221 -17.85 -12.41 -27.46
C TRP B 221 -17.16 -13.62 -28.09
N HIS B 222 -17.23 -14.75 -27.39
CA HIS B 222 -16.58 -15.97 -27.87
C HIS B 222 -17.60 -17.10 -27.96
N ILE B 223 -17.34 -18.22 -27.29
CA ILE B 223 -18.25 -19.35 -27.27
C ILE B 223 -19.54 -19.01 -26.54
N SER B 224 -19.45 -18.23 -25.45
CA SER B 224 -20.63 -17.82 -24.71
C SER B 224 -21.28 -16.62 -25.37
N ARG B 225 -22.58 -16.72 -25.59
CA ARG B 225 -23.35 -15.67 -26.25
C ARG B 225 -23.87 -14.67 -25.22
N PRO B 226 -24.11 -13.42 -25.64
CA PRO B 226 -24.71 -12.45 -24.72
C PRO B 226 -26.01 -12.98 -24.12
N GLY B 227 -26.10 -12.91 -22.80
CA GLY B 227 -27.26 -13.38 -22.07
C GLY B 227 -27.07 -14.71 -21.37
N HIS B 228 -26.35 -15.65 -21.99
CA HIS B 228 -26.13 -16.97 -21.42
C HIS B 228 -25.09 -16.86 -20.30
N ILE B 229 -25.55 -16.41 -19.13
CA ILE B 229 -24.67 -16.27 -17.99
C ILE B 229 -24.24 -17.64 -17.46
N GLU B 230 -25.09 -18.66 -17.59
CA GLU B 230 -24.71 -19.99 -17.10
C GLU B 230 -23.41 -20.47 -17.74
N THR B 231 -23.20 -20.16 -19.02
CA THR B 231 -22.04 -20.63 -19.76
C THR B 231 -20.77 -19.83 -19.48
N PHE B 232 -20.84 -18.75 -18.71
CA PHE B 232 -19.67 -17.90 -18.52
C PHE B 232 -18.58 -18.64 -17.77
N ASP B 233 -17.35 -18.53 -18.28
CA ASP B 233 -16.19 -19.22 -17.73
C ASP B 233 -14.95 -18.74 -18.47
N LEU B 234 -13.78 -19.00 -17.87
CA LEU B 234 -12.53 -18.41 -18.33
C LEU B 234 -12.24 -18.67 -19.81
N LEU B 235 -12.74 -19.78 -20.36
CA LEU B 235 -12.47 -20.11 -21.76
C LEU B 235 -13.61 -19.78 -22.71
N THR B 236 -14.83 -19.58 -22.20
CA THR B 236 -15.97 -19.32 -23.06
C THR B 236 -16.25 -17.83 -23.24
N LEU B 237 -15.77 -16.99 -22.33
CA LEU B 237 -15.74 -15.57 -22.62
C LEU B 237 -14.57 -15.25 -23.54
N HIS B 238 -14.65 -14.10 -24.17
CA HIS B 238 -13.56 -13.66 -25.04
C HIS B 238 -12.42 -13.12 -24.17
N PRO B 239 -11.18 -13.55 -24.41
CA PRO B 239 -10.07 -13.05 -23.57
C PRO B 239 -9.97 -11.53 -23.51
N ILE B 240 -10.15 -10.86 -24.65
CA ILE B 240 -10.09 -9.40 -24.65
C ILE B 240 -11.13 -8.81 -23.71
N GLU B 241 -12.39 -9.24 -23.84
CA GLU B 241 -13.44 -8.71 -22.99
C GLU B 241 -13.24 -9.08 -21.53
N ILE B 242 -12.65 -10.24 -21.25
CA ILE B 242 -12.32 -10.59 -19.88
C ILE B 242 -11.37 -9.54 -19.29
N ALA B 243 -10.27 -9.27 -20.00
CA ALA B 243 -9.33 -8.28 -19.48
C ALA B 243 -9.94 -6.88 -19.43
N ARG B 244 -10.75 -6.52 -20.44
CA ARG B 244 -11.48 -5.25 -20.40
C ARG B 244 -12.29 -5.11 -19.12
N GLN B 245 -13.22 -6.04 -18.90
CA GLN B 245 -14.17 -5.89 -17.80
C GLN B 245 -13.50 -6.00 -16.45
N LEU B 246 -12.46 -6.84 -16.33
CA LEU B 246 -11.67 -6.85 -15.11
C LEU B 246 -10.95 -5.54 -14.91
N THR B 247 -10.48 -4.91 -15.98
CA THR B 247 -9.86 -3.59 -15.85
C THR B 247 -10.88 -2.55 -15.41
N LEU B 248 -12.13 -2.69 -15.84
CA LEU B 248 -13.18 -1.78 -15.39
C LEU B 248 -13.42 -1.94 -13.89
N LEU B 249 -13.66 -3.18 -13.44
CA LEU B 249 -13.79 -3.45 -12.01
C LEU B 249 -12.60 -2.91 -11.22
N GLU B 250 -11.39 -3.18 -11.69
CA GLU B 250 -10.21 -2.85 -10.92
C GLU B 250 -9.93 -1.35 -10.92
N SER B 251 -10.22 -0.65 -12.02
CA SER B 251 -10.10 0.81 -12.01
C SER B 251 -11.12 1.47 -11.11
N ASP B 252 -12.37 0.98 -11.09
CA ASP B 252 -13.34 1.52 -10.14
C ASP B 252 -12.89 1.27 -8.70
N LEU B 253 -12.60 0.00 -8.37
CA LEU B 253 -12.08 -0.34 -7.05
C LEU B 253 -10.91 0.55 -6.65
N TYR B 254 -10.03 0.85 -7.60
CA TYR B 254 -8.88 1.71 -7.33
C TYR B 254 -9.30 3.15 -7.05
N ARG B 255 -10.00 3.77 -8.00
CA ARG B 255 -10.44 5.16 -7.86
C ARG B 255 -11.09 5.40 -6.50
N ALA B 256 -11.87 4.45 -6.02
CA ALA B 256 -12.67 4.59 -4.80
C ALA B 256 -11.84 4.68 -3.53
N VAL B 257 -10.54 4.49 -3.59
CA VAL B 257 -9.72 4.52 -2.38
C VAL B 257 -9.46 5.97 -1.98
N GLN B 258 -9.85 6.33 -0.75
CA GLN B 258 -9.79 7.68 -0.25
C GLN B 258 -8.62 7.83 0.73
N PRO B 259 -7.89 8.94 0.65
CA PRO B 259 -6.70 9.11 1.51
C PRO B 259 -6.97 8.98 3.00
N SER B 260 -8.21 9.17 3.46
CA SER B 260 -8.50 8.98 4.88
C SER B 260 -8.24 7.55 5.31
N GLU B 261 -8.20 6.61 4.37
CA GLU B 261 -7.90 5.22 4.64
C GLU B 261 -6.41 4.91 4.61
N LEU B 262 -5.62 5.69 3.88
CA LEU B 262 -4.19 5.39 3.80
C LEU B 262 -3.38 6.14 4.85
N VAL B 263 -3.86 7.30 5.30
CA VAL B 263 -3.07 8.17 6.14
C VAL B 263 -3.13 7.69 7.59
N GLY B 264 -1.97 7.57 8.22
CA GLY B 264 -1.87 7.01 9.54
C GLY B 264 -1.60 5.53 9.59
N SER B 265 -1.22 4.91 8.45
CA SER B 265 -1.02 3.47 8.36
C SER B 265 -2.26 2.74 8.87
N VAL B 266 -3.42 3.34 8.63
CA VAL B 266 -4.59 3.00 9.43
C VAL B 266 -5.21 1.68 8.95
N TRP B 267 -4.84 1.22 7.75
CA TRP B 267 -5.31 -0.05 7.21
C TRP B 267 -4.57 -1.26 7.77
N THR B 268 -3.57 -1.05 8.63
CA THR B 268 -2.79 -2.13 9.23
C THR B 268 -3.16 -2.38 10.68
N LYS B 269 -4.10 -1.63 11.23
CA LYS B 269 -4.38 -1.64 12.66
C LYS B 269 -5.72 -2.29 12.95
N GLU B 270 -6.01 -2.47 14.24
CA GLU B 270 -7.10 -3.36 14.65
C GLU B 270 -8.44 -2.92 14.08
N ASP B 271 -8.62 -1.63 13.82
CA ASP B 271 -9.85 -1.10 13.24
C ASP B 271 -9.73 -0.91 11.72
N LYS B 272 -8.91 -1.71 11.06
CA LYS B 272 -8.74 -1.59 9.61
C LYS B 272 -10.04 -1.84 8.87
N GLU B 273 -10.84 -2.81 9.33
CA GLU B 273 -12.11 -3.08 8.66
C GLU B 273 -13.04 -1.88 8.69
N ILE B 274 -12.88 -1.01 9.68
CA ILE B 274 -13.73 0.17 9.82
C ILE B 274 -13.22 1.34 8.99
N ASN B 275 -11.90 1.58 9.03
CA ASN B 275 -11.33 2.79 8.43
C ASN B 275 -10.97 2.63 6.96
N SER B 276 -10.59 1.43 6.53
CA SER B 276 -10.14 1.29 5.14
C SER B 276 -10.96 0.29 4.35
N PRO B 277 -12.30 0.39 4.35
CA PRO B 277 -13.09 -0.65 3.66
C PRO B 277 -12.91 -0.67 2.16
N ASN B 278 -12.73 0.49 1.52
CA ASN B 278 -12.51 0.51 0.07
C ASN B 278 -11.21 -0.19 -0.29
N LEU B 279 -10.12 0.15 0.42
CA LEU B 279 -8.81 -0.44 0.14
C LEU B 279 -8.84 -1.95 0.29
N LEU B 280 -9.42 -2.43 1.39
CA LEU B 280 -9.51 -3.86 1.62
C LEU B 280 -10.39 -4.53 0.59
N LYS B 281 -11.49 -3.88 0.19
CA LYS B 281 -12.32 -4.48 -0.85
C LYS B 281 -11.55 -4.63 -2.16
N MET B 282 -10.69 -3.65 -2.49
CA MET B 282 -9.89 -3.75 -3.71
C MET B 282 -8.84 -4.86 -3.61
N ILE B 283 -8.10 -4.91 -2.49
CA ILE B 283 -7.07 -5.94 -2.32
C ILE B 283 -7.68 -7.33 -2.36
N ARG B 284 -8.85 -7.49 -1.75
CA ARG B 284 -9.54 -8.76 -1.78
C ARG B 284 -10.02 -9.11 -3.18
N HIS B 285 -10.39 -8.12 -4.00
CA HIS B 285 -10.58 -8.42 -5.41
C HIS B 285 -9.31 -9.02 -6.02
N THR B 286 -8.18 -8.31 -5.89
CA THR B 286 -6.93 -8.76 -6.52
C THR B 286 -6.53 -10.17 -6.05
N THR B 287 -6.60 -10.39 -4.74
CA THR B 287 -6.30 -11.69 -4.15
C THR B 287 -7.24 -12.76 -4.71
N ASN B 288 -8.54 -12.45 -4.76
CA ASN B 288 -9.53 -13.38 -5.32
C ASN B 288 -9.21 -13.75 -6.75
N LEU B 289 -8.73 -12.78 -7.55
CA LEU B 289 -8.51 -13.05 -8.95
C LEU B 289 -7.30 -13.96 -9.14
N THR B 290 -6.22 -13.68 -8.41
CA THR B 290 -5.06 -14.57 -8.43
C THR B 290 -5.45 -15.99 -8.03
N LEU B 291 -6.28 -16.11 -6.99
CA LEU B 291 -6.69 -17.44 -6.55
C LEU B 291 -7.56 -18.14 -7.58
N TRP B 292 -8.49 -17.42 -8.21
CA TRP B 292 -9.32 -18.01 -9.26
C TRP B 292 -8.48 -18.48 -10.43
N PHE B 293 -7.44 -17.72 -10.80
CA PHE B 293 -6.53 -18.13 -11.87
C PHE B 293 -5.81 -19.44 -11.53
N GLU B 294 -5.17 -19.48 -10.36
CA GLU B 294 -4.52 -20.70 -9.88
C GLU B 294 -5.50 -21.87 -9.94
N LYS B 295 -6.70 -21.65 -9.40
CA LYS B 295 -7.69 -22.71 -9.30
C LYS B 295 -8.14 -23.17 -10.67
N CYS B 296 -8.24 -22.26 -11.64
CA CYS B 296 -8.54 -22.67 -13.01
C CYS B 296 -7.44 -23.57 -13.54
N ILE B 297 -6.18 -23.22 -13.27
CA ILE B 297 -5.07 -23.99 -13.83
C ILE B 297 -5.02 -25.38 -13.20
N VAL B 298 -4.75 -25.47 -11.90
CA VAL B 298 -4.49 -26.77 -11.30
C VAL B 298 -5.72 -27.67 -11.24
N GLU B 299 -6.93 -27.10 -11.37
CA GLU B 299 -8.14 -27.91 -11.37
C GLU B 299 -8.51 -28.38 -12.77
N THR B 300 -7.67 -28.10 -13.75
CA THR B 300 -7.84 -28.57 -15.11
C THR B 300 -6.85 -29.71 -15.27
N GLU B 301 -7.32 -30.92 -14.99
CA GLU B 301 -6.42 -32.05 -14.75
C GLU B 301 -5.81 -32.56 -16.04
N ASN B 302 -6.49 -32.37 -17.17
CA ASN B 302 -5.96 -32.70 -18.49
C ASN B 302 -4.84 -31.75 -18.88
N LEU B 303 -3.71 -32.31 -19.33
CA LEU B 303 -2.59 -31.47 -19.73
C LEU B 303 -2.93 -30.65 -20.97
N GLU B 304 -3.68 -31.22 -21.90
CA GLU B 304 -4.06 -30.45 -23.10
C GLU B 304 -4.96 -29.27 -22.72
N GLU B 305 -6.02 -29.55 -21.97
CA GLU B 305 -6.90 -28.49 -21.49
C GLU B 305 -6.14 -27.48 -20.62
N ARG B 306 -5.23 -27.96 -19.76
CA ARG B 306 -4.51 -27.05 -18.87
C ARG B 306 -3.53 -26.16 -19.63
N VAL B 307 -2.91 -26.67 -20.70
CA VAL B 307 -2.08 -25.78 -21.51
C VAL B 307 -2.96 -24.74 -22.19
N ALA B 308 -4.15 -25.14 -22.66
CA ALA B 308 -5.09 -24.12 -23.15
C ALA B 308 -5.36 -23.06 -22.08
N VAL B 309 -5.54 -23.46 -20.82
CA VAL B 309 -5.91 -22.53 -19.76
C VAL B 309 -4.77 -21.55 -19.49
N VAL B 310 -3.57 -22.08 -19.28
CA VAL B 310 -2.43 -21.21 -18.99
C VAL B 310 -2.17 -20.26 -20.15
N SER B 311 -2.42 -20.72 -21.39
CA SER B 311 -2.23 -19.86 -22.56
C SER B 311 -3.25 -18.72 -22.60
N ARG B 312 -4.54 -19.04 -22.41
CA ARG B 312 -5.56 -18.00 -22.40
C ARG B 312 -5.30 -16.98 -21.30
N ILE B 313 -4.77 -17.44 -20.16
CA ILE B 313 -4.47 -16.52 -19.06
C ILE B 313 -3.29 -15.61 -19.41
N ILE B 314 -2.29 -16.14 -20.13
CA ILE B 314 -1.22 -15.24 -20.58
C ILE B 314 -1.74 -14.24 -21.60
N GLU B 315 -2.74 -14.62 -22.41
CA GLU B 315 -3.34 -13.66 -23.34
C GLU B 315 -4.07 -12.55 -22.60
N ILE B 316 -4.85 -12.90 -21.58
CA ILE B 316 -5.47 -11.92 -20.70
C ILE B 316 -4.42 -11.00 -20.12
N LEU B 317 -3.27 -11.58 -19.75
CA LEU B 317 -2.17 -10.76 -19.23
C LEU B 317 -1.72 -9.73 -20.26
N GLN B 318 -1.57 -10.15 -21.52
CA GLN B 318 -1.18 -9.18 -22.55
C GLN B 318 -2.18 -8.03 -22.62
N VAL B 319 -3.47 -8.33 -22.63
CA VAL B 319 -4.45 -7.24 -22.76
C VAL B 319 -4.38 -6.32 -21.55
N PHE B 320 -4.20 -6.90 -20.36
CA PHE B 320 -3.90 -6.08 -19.18
C PHE B 320 -2.74 -5.13 -19.43
N GLN B 321 -1.67 -5.65 -20.02
CA GLN B 321 -0.50 -4.81 -20.31
C GLN B 321 -0.89 -3.66 -21.24
N GLU B 322 -1.65 -3.97 -22.28
CA GLU B 322 -2.09 -2.94 -23.23
C GLU B 322 -2.92 -1.86 -22.53
N LEU B 323 -3.96 -2.26 -21.80
CA LEU B 323 -4.77 -1.32 -21.05
C LEU B 323 -4.02 -0.65 -19.91
N ASN B 324 -2.73 -0.91 -19.76
CA ASN B 324 -1.92 -0.36 -18.67
C ASN B 324 -2.58 -0.61 -17.30
N ASN B 325 -3.13 -1.81 -17.14
CA ASN B 325 -3.78 -2.23 -15.89
C ASN B 325 -2.76 -3.06 -15.11
N PHE B 326 -1.96 -2.37 -14.30
CA PHE B 326 -0.82 -3.04 -13.67
C PHE B 326 -1.25 -3.91 -12.50
N ASN B 327 -2.28 -3.51 -11.76
CA ASN B 327 -2.90 -4.44 -10.82
C ASN B 327 -3.30 -5.72 -11.52
N GLY B 328 -3.88 -5.58 -12.71
CA GLY B 328 -4.26 -6.75 -13.48
C GLY B 328 -3.05 -7.57 -13.90
N VAL B 329 -1.96 -6.90 -14.28
CA VAL B 329 -0.75 -7.61 -14.65
C VAL B 329 -0.24 -8.44 -13.47
N LEU B 330 -0.27 -7.86 -12.28
CA LEU B 330 0.33 -8.54 -11.13
C LEU B 330 -0.58 -9.62 -10.57
N GLU B 331 -1.90 -9.51 -10.77
CA GLU B 331 -2.77 -10.65 -10.51
C GLU B 331 -2.22 -11.90 -11.19
N VAL B 332 -2.02 -11.82 -12.51
CA VAL B 332 -1.58 -12.97 -13.28
C VAL B 332 -0.13 -13.33 -12.94
N VAL B 333 0.72 -12.33 -12.73
CA VAL B 333 2.12 -12.63 -12.39
C VAL B 333 2.20 -13.40 -11.08
N SER B 334 1.47 -12.96 -10.06
CA SER B 334 1.48 -13.67 -8.78
C SER B 334 0.87 -15.06 -8.92
N ALA B 335 -0.19 -15.21 -9.72
CA ALA B 335 -0.73 -16.54 -9.95
C ALA B 335 0.35 -17.46 -10.53
N MET B 336 1.06 -16.96 -11.55
CA MET B 336 2.12 -17.76 -12.17
C MET B 336 3.24 -18.09 -11.19
N ASN B 337 3.49 -17.21 -10.23
CA ASN B 337 4.55 -17.48 -9.25
C ASN B 337 4.12 -18.38 -8.11
N SER B 338 2.83 -18.68 -7.96
CA SER B 338 2.39 -19.43 -6.79
C SER B 338 2.95 -20.85 -6.80
N SER B 339 3.15 -21.40 -5.60
CA SER B 339 3.65 -22.77 -5.47
C SER B 339 2.87 -23.79 -6.29
N PRO B 340 1.53 -23.79 -6.29
CA PRO B 340 0.81 -24.81 -7.09
C PRO B 340 1.05 -24.71 -8.58
N VAL B 341 1.31 -23.53 -9.13
CA VAL B 341 1.40 -23.33 -10.58
C VAL B 341 2.84 -23.34 -11.06
N TYR B 342 3.75 -22.77 -10.27
CA TYR B 342 5.16 -22.64 -10.68
C TYR B 342 5.74 -23.97 -11.14
N ARG B 343 5.39 -25.07 -10.49
CA ARG B 343 6.09 -26.34 -10.65
C ARG B 343 5.57 -27.20 -11.81
N LEU B 344 4.56 -26.74 -12.55
CA LEU B 344 3.92 -27.57 -13.57
C LEU B 344 4.73 -27.56 -14.87
N ASP B 345 5.93 -28.14 -14.79
CA ASP B 345 6.87 -28.08 -15.91
C ASP B 345 6.27 -28.64 -17.19
N HIS B 346 5.42 -29.66 -17.09
CA HIS B 346 4.76 -30.21 -18.27
C HIS B 346 3.81 -29.21 -18.91
N THR B 347 3.24 -28.28 -18.12
CA THR B 347 2.34 -27.31 -18.71
C THR B 347 3.10 -26.20 -19.42
N PHE B 348 4.12 -25.64 -18.77
CA PHE B 348 4.92 -24.60 -19.40
C PHE B 348 5.76 -25.13 -20.56
N GLU B 349 5.97 -26.45 -20.62
CA GLU B 349 6.66 -27.03 -21.77
C GLU B 349 5.95 -26.69 -23.08
N GLN B 350 4.66 -27.01 -23.18
N GLN B 350 4.65 -27.01 -23.17
CA GLN B 350 3.91 -26.80 -24.41
CA GLN B 350 3.82 -26.82 -24.38
C GLN B 350 3.30 -25.40 -24.50
C GLN B 350 3.40 -25.37 -24.61
N ILE B 351 3.92 -24.41 -23.88
CA ILE B 351 3.50 -23.02 -23.98
C ILE B 351 4.40 -22.34 -25.02
N PRO B 352 3.83 -21.74 -26.08
CA PRO B 352 4.69 -21.16 -27.12
C PRO B 352 5.59 -20.06 -26.58
N SER B 353 6.72 -19.86 -27.28
CA SER B 353 7.76 -18.94 -26.85
C SER B 353 7.34 -17.47 -26.96
N ARG B 354 6.47 -17.13 -27.90
CA ARG B 354 5.89 -15.78 -27.97
C ARG B 354 5.28 -15.39 -26.62
N GLN B 355 4.36 -16.22 -26.15
CA GLN B 355 3.69 -15.99 -24.89
C GLN B 355 4.62 -16.17 -23.69
N LYS B 356 5.62 -17.05 -23.80
CA LYS B 356 6.62 -17.12 -22.74
C LYS B 356 7.38 -15.82 -22.59
N LYS B 357 7.71 -15.14 -23.69
CA LYS B 357 8.34 -13.83 -23.59
C LYS B 357 7.37 -12.77 -23.07
N ILE B 358 6.10 -12.85 -23.47
CA ILE B 358 5.07 -12.00 -22.85
C ILE B 358 5.14 -12.10 -21.33
N LEU B 359 4.94 -13.32 -20.81
CA LEU B 359 4.88 -13.54 -19.37
C LEU B 359 6.21 -13.24 -18.70
N GLU B 360 7.32 -13.51 -19.39
CA GLU B 360 8.62 -13.17 -18.85
C GLU B 360 8.75 -11.67 -18.66
N GLU B 361 8.43 -10.90 -19.70
CA GLU B 361 8.48 -9.45 -19.61
C GLU B 361 7.61 -8.92 -18.48
N ALA B 362 6.43 -9.50 -18.30
CA ALA B 362 5.56 -9.08 -17.20
C ALA B 362 6.23 -9.37 -15.86
N HIS B 363 6.66 -10.61 -15.66
CA HIS B 363 7.31 -10.97 -14.39
C HIS B 363 8.54 -10.11 -14.13
N GLU B 364 9.23 -9.69 -15.21
CA GLU B 364 10.41 -8.85 -15.06
C GLU B 364 10.12 -7.63 -14.21
N LEU B 365 8.88 -7.11 -14.31
CA LEU B 365 8.55 -5.84 -13.68
C LEU B 365 8.70 -5.91 -12.16
N SER B 366 8.30 -7.03 -11.56
CA SER B 366 8.38 -7.13 -10.10
C SER B 366 9.81 -7.16 -9.59
N GLU B 367 10.76 -7.60 -10.41
CA GLU B 367 12.10 -7.89 -9.92
C GLU B 367 12.87 -6.61 -9.59
N ASP B 368 13.79 -6.72 -8.63
CA ASP B 368 14.59 -5.60 -8.14
C ASP B 368 13.71 -4.53 -7.51
N HIS B 369 12.83 -4.94 -6.60
CA HIS B 369 11.87 -4.08 -5.91
C HIS B 369 11.06 -3.23 -6.90
N TYR B 370 10.63 -3.88 -7.98
CA TYR B 370 9.71 -3.30 -8.95
C TYR B 370 10.34 -2.20 -9.80
N LYS B 371 11.67 -2.08 -9.81
CA LYS B 371 12.37 -1.01 -10.52
C LYS B 371 11.74 -0.76 -11.89
N LYS B 372 11.33 -1.86 -12.53
CA LYS B 372 10.80 -1.81 -13.90
C LYS B 372 9.33 -1.40 -13.95
N TYR B 373 8.50 -1.85 -12.98
CA TYR B 373 7.12 -1.35 -12.91
C TYR B 373 7.09 0.13 -12.61
N LEU B 374 7.91 0.59 -11.68
CA LEU B 374 7.98 2.02 -11.42
C LEU B 374 8.41 2.77 -12.66
N ALA B 375 9.42 2.24 -13.38
CA ALA B 375 9.84 2.87 -14.62
C ALA B 375 8.70 2.96 -15.63
N LYS B 376 7.98 1.86 -15.85
CA LYS B 376 6.93 1.88 -16.86
C LYS B 376 5.74 2.73 -16.43
N LEU B 377 5.38 2.67 -15.15
CA LEU B 377 4.28 3.50 -14.67
C LEU B 377 4.59 4.97 -14.89
N ARG B 378 5.84 5.36 -14.66
CA ARG B 378 6.26 6.70 -15.09
C ARG B 378 6.01 6.88 -16.59
N SER B 379 6.59 5.98 -17.41
CA SER B 379 6.75 6.26 -18.83
C SER B 379 5.44 6.38 -19.59
N ILE B 380 4.35 5.79 -19.09
CA ILE B 380 3.12 5.70 -19.85
C ILE B 380 2.16 6.82 -19.46
N ASN B 381 1.01 6.87 -20.13
CA ASN B 381 0.05 7.95 -20.03
C ASN B 381 -1.29 7.41 -19.57
N PRO B 382 -1.94 8.04 -18.59
CA PRO B 382 -3.21 7.54 -18.06
C PRO B 382 -4.25 7.35 -19.15
N PRO B 383 -5.33 6.59 -18.89
CA PRO B 383 -5.70 5.99 -17.60
C PRO B 383 -4.94 4.70 -17.31
N CYS B 384 -4.83 4.35 -16.04
CA CYS B 384 -4.19 3.09 -15.66
C CYS B 384 -4.74 2.65 -14.32
N VAL B 385 -4.33 1.45 -13.92
CA VAL B 385 -4.58 0.93 -12.58
C VAL B 385 -3.22 0.57 -12.01
N PRO B 386 -2.63 1.39 -11.13
CA PRO B 386 -1.35 1.01 -10.54
C PRO B 386 -1.56 -0.14 -9.56
N PHE B 387 -0.45 -0.77 -9.21
CA PHE B 387 -0.46 -1.77 -8.15
C PHE B 387 -0.30 -1.04 -6.83
N PHE B 388 -1.20 -1.30 -5.88
CA PHE B 388 -1.35 -0.40 -4.74
C PHE B 388 -0.36 -0.72 -3.61
N GLY B 389 0.15 -1.95 -3.56
CA GLY B 389 0.95 -2.39 -2.43
C GLY B 389 2.23 -1.61 -2.21
N ILE B 390 2.86 -1.16 -3.30
CA ILE B 390 4.05 -0.32 -3.17
C ILE B 390 3.70 0.97 -2.43
N TYR B 391 2.58 1.59 -2.81
CA TYR B 391 2.11 2.78 -2.11
C TYR B 391 1.90 2.48 -0.63
N LEU B 392 1.28 1.35 -0.34
CA LEU B 392 1.02 0.99 1.05
C LEU B 392 2.32 0.86 1.85
N THR B 393 3.32 0.19 1.26
CA THR B 393 4.59 -0.01 1.97
C THR B 393 5.31 1.32 2.18
N ASN B 394 5.33 2.18 1.16
CA ASN B 394 6.03 3.46 1.32
C ASN B 394 5.37 4.33 2.38
N ILE B 395 4.03 4.37 2.42
CA ILE B 395 3.34 5.11 3.48
C ILE B 395 3.70 4.53 4.85
N LEU B 396 3.56 3.21 5.01
CA LEU B 396 3.82 2.59 6.30
C LEU B 396 5.25 2.86 6.78
N LYS B 397 6.23 2.70 5.88
CA LYS B 397 7.62 2.85 6.29
C LYS B 397 7.98 4.30 6.53
N THR B 398 7.33 5.23 5.82
CA THR B 398 7.55 6.64 6.10
C THR B 398 7.05 7.00 7.49
N GLU B 399 5.88 6.50 7.86
CA GLU B 399 5.33 6.81 9.18
C GLU B 399 6.12 6.11 10.28
N GLU B 400 6.07 4.74 10.14
CA GLU B 400 6.75 4.07 11.24
C GLU B 400 8.24 4.36 11.26
N GLY B 401 8.99 4.80 10.17
CA GLY B 401 10.42 4.96 10.02
C GLY B 401 10.98 6.36 10.23
N ASN B 402 10.16 7.33 10.63
CA ASN B 402 10.61 8.68 10.91
C ASN B 402 9.92 9.16 12.18
N PRO B 403 10.60 9.98 12.99
CA PRO B 403 10.07 10.31 14.30
C PRO B 403 8.77 11.12 14.22
N GLU B 404 7.90 10.87 15.21
CA GLU B 404 6.69 11.67 15.37
C GLU B 404 7.01 13.10 15.76
N VAL B 405 8.18 13.33 16.34
CA VAL B 405 8.51 14.60 16.96
C VAL B 405 10.02 14.76 16.93
N LEU B 406 10.46 16.01 16.86
CA LEU B 406 11.86 16.39 16.93
C LEU B 406 12.07 17.23 18.17
N LYS B 407 13.14 16.96 18.90
CA LYS B 407 13.43 17.70 20.13
C LYS B 407 14.54 18.70 19.89
N ARG B 408 14.23 19.97 20.11
CA ARG B 408 15.21 21.06 20.05
C ARG B 408 15.13 21.85 21.35
N HIS B 409 16.29 22.04 21.98
CA HIS B 409 16.39 22.82 23.23
C HIS B 409 15.45 22.29 24.31
N GLY B 410 15.35 20.96 24.39
CA GLY B 410 14.45 20.37 25.37
C GLY B 410 12.99 20.69 25.15
N LYS B 411 12.60 20.97 23.90
CA LYS B 411 11.23 21.23 23.52
C LYS B 411 10.83 20.33 22.36
N GLU B 412 9.55 19.96 22.34
CA GLU B 412 9.03 18.94 21.44
C GLU B 412 8.35 19.64 20.26
N LEU B 413 8.73 19.26 19.03
CA LEU B 413 8.27 19.90 17.80
C LEU B 413 7.76 18.83 16.83
N ILE B 414 6.46 18.87 16.55
CA ILE B 414 5.80 18.00 15.58
C ILE B 414 6.60 17.95 14.28
N ASN B 415 7.02 16.74 13.88
CA ASN B 415 7.78 16.56 12.64
C ASN B 415 6.80 16.62 11.48
N PHE B 416 6.81 17.71 10.73
CA PHE B 416 5.79 17.89 9.71
C PHE B 416 6.21 17.38 8.33
N SER B 417 7.50 17.44 7.98
CA SER B 417 7.91 16.98 6.65
C SER B 417 7.67 15.49 6.45
N LYS B 418 7.61 14.69 7.52
CA LYS B 418 7.15 13.32 7.42
C LYS B 418 5.71 13.26 6.92
N ARG B 419 4.84 14.09 7.50
CA ARG B 419 3.45 14.16 7.06
C ARG B 419 3.36 14.67 5.62
N ARG B 420 4.27 15.56 5.23
CA ARG B 420 4.29 16.04 3.85
C ARG B 420 4.70 14.92 2.89
N LYS B 421 5.67 14.10 3.29
CA LYS B 421 6.09 12.96 2.47
C LYS B 421 4.94 11.97 2.29
N VAL B 422 4.16 11.73 3.35
CA VAL B 422 2.93 10.95 3.21
C VAL B 422 2.00 11.60 2.18
N ALA B 423 1.71 12.89 2.37
CA ALA B 423 0.74 13.58 1.51
C ALA B 423 1.16 13.50 0.05
N GLU B 424 2.47 13.54 -0.23
CA GLU B 424 2.92 13.41 -1.62
C GLU B 424 2.48 12.07 -2.22
N ILE B 425 2.58 10.99 -1.45
CA ILE B 425 2.26 9.67 -1.99
C ILE B 425 0.75 9.54 -2.19
N THR B 426 -0.03 10.00 -1.22
CA THR B 426 -1.48 10.00 -1.42
C THR B 426 -1.86 10.82 -2.65
N GLY B 427 -1.18 11.95 -2.87
CA GLY B 427 -1.46 12.76 -4.04
C GLY B 427 -1.11 12.06 -5.34
N GLU B 428 0.06 11.42 -5.39
CA GLU B 428 0.42 10.66 -6.57
C GLU B 428 -0.60 9.56 -6.84
N ILE B 429 -1.17 9.00 -5.76
CA ILE B 429 -2.28 8.06 -5.94
C ILE B 429 -3.45 8.73 -6.62
N GLN B 430 -3.88 9.90 -6.10
CA GLN B 430 -5.10 10.51 -6.61
C GLN B 430 -4.95 11.08 -8.02
N GLN B 431 -3.72 11.33 -8.49
CA GLN B 431 -3.55 11.71 -9.89
C GLN B 431 -3.97 10.59 -10.83
N TYR B 432 -3.52 9.36 -10.56
CA TYR B 432 -3.94 8.25 -11.40
C TYR B 432 -5.42 7.89 -11.22
N GLN B 433 -6.16 8.53 -10.32
CA GLN B 433 -7.59 8.29 -10.15
C GLN B 433 -8.47 9.16 -11.02
N ASN B 434 -7.88 10.11 -11.76
CA ASN B 434 -8.66 11.10 -12.49
C ASN B 434 -9.20 10.53 -13.81
N GLN B 435 -8.29 10.15 -14.71
CA GLN B 435 -8.71 9.71 -16.04
C GLN B 435 -9.37 8.33 -15.99
N PRO B 436 -10.49 8.15 -16.68
CA PRO B 436 -11.16 6.85 -16.73
C PRO B 436 -10.99 6.14 -18.06
N TYR B 437 -11.61 4.96 -18.20
CA TYR B 437 -11.31 4.10 -19.34
C TYR B 437 -12.39 4.22 -20.40
N CYS B 438 -11.95 4.33 -21.66
CA CYS B 438 -12.84 4.35 -22.82
C CYS B 438 -13.21 2.91 -23.14
N LEU B 439 -14.20 2.38 -22.42
CA LEU B 439 -14.60 0.98 -22.53
C LEU B 439 -16.05 0.83 -22.11
N ARG B 440 -16.79 0.07 -22.91
CA ARG B 440 -18.20 -0.16 -22.58
C ARG B 440 -18.27 -1.17 -21.45
N VAL B 441 -19.14 -0.93 -20.49
CA VAL B 441 -19.40 -1.87 -19.40
C VAL B 441 -20.29 -2.99 -19.91
N GLU B 442 -19.92 -4.23 -19.61
CA GLU B 442 -20.79 -5.38 -19.87
C GLU B 442 -21.24 -5.91 -18.51
N SER B 443 -22.46 -5.54 -18.12
CA SER B 443 -22.97 -5.78 -16.78
C SER B 443 -22.91 -7.24 -16.35
N ASP B 444 -23.05 -8.18 -17.28
CA ASP B 444 -23.12 -9.61 -16.96
C ASP B 444 -21.73 -10.22 -16.73
N ILE B 445 -20.80 -9.97 -17.64
CA ILE B 445 -19.40 -10.34 -17.39
C ILE B 445 -18.93 -9.72 -16.09
N LYS B 446 -19.30 -8.45 -15.86
CA LYS B 446 -18.95 -7.73 -14.65
C LYS B 446 -19.49 -8.44 -13.40
N ARG B 447 -20.77 -8.79 -13.40
CA ARG B 447 -21.34 -9.45 -12.24
C ARG B 447 -20.77 -10.85 -12.05
N PHE B 448 -20.43 -11.53 -13.15
CA PHE B 448 -19.70 -12.80 -13.06
C PHE B 448 -18.42 -12.64 -12.26
N PHE B 449 -17.59 -11.65 -12.63
CA PHE B 449 -16.32 -11.52 -11.91
C PHE B 449 -16.49 -10.94 -10.51
N GLU B 450 -17.56 -10.19 -10.26
CA GLU B 450 -17.81 -9.72 -8.91
C GLU B 450 -18.12 -10.89 -7.98
N ASN B 451 -18.93 -11.84 -8.44
CA ASN B 451 -19.40 -12.95 -7.62
C ASN B 451 -18.49 -14.18 -7.68
N LEU B 452 -17.26 -14.02 -8.18
CA LEU B 452 -16.29 -15.11 -8.07
C LEU B 452 -15.96 -15.35 -6.62
N ASN B 453 -15.92 -16.63 -6.23
CA ASN B 453 -15.52 -17.04 -4.89
C ASN B 453 -14.78 -18.35 -4.97
N PRO B 454 -13.53 -18.32 -5.46
CA PRO B 454 -12.79 -19.59 -5.63
C PRO B 454 -12.51 -20.31 -4.33
N MET B 455 -12.51 -19.61 -3.19
CA MET B 455 -12.24 -20.20 -1.88
C MET B 455 -13.46 -20.88 -1.24
N GLY B 456 -14.66 -20.67 -1.78
CA GLY B 456 -15.83 -21.29 -1.18
C GLY B 456 -15.98 -20.96 0.30
N ASN B 457 -16.21 -21.99 1.11
CA ASN B 457 -16.31 -21.85 2.57
C ASN B 457 -15.00 -22.20 3.26
N SER B 458 -13.93 -22.36 2.51
CA SER B 458 -12.70 -22.90 3.05
C SER B 458 -11.86 -21.78 3.60
N MET B 459 -11.05 -22.09 4.60
CA MET B 459 -10.15 -21.08 5.13
C MET B 459 -8.92 -20.98 4.21
N GLU B 460 -8.08 -19.99 4.49
CA GLU B 460 -6.93 -19.73 3.61
C GLU B 460 -6.06 -20.98 3.47
N LYS B 461 -5.60 -21.52 4.60
CA LYS B 461 -4.65 -22.65 4.53
C LYS B 461 -5.30 -23.90 3.93
N GLU B 462 -6.49 -24.27 4.41
CA GLU B 462 -7.19 -25.40 3.83
C GLU B 462 -7.20 -25.31 2.30
N PHE B 463 -7.40 -24.10 1.77
CA PHE B 463 -7.50 -23.91 0.34
C PHE B 463 -6.15 -23.92 -0.38
N THR B 464 -5.16 -23.19 0.13
CA THR B 464 -3.85 -23.23 -0.52
C THR B 464 -3.28 -24.64 -0.53
N ASP B 465 -3.55 -25.39 0.55
CA ASP B 465 -3.20 -26.80 0.61
C ASP B 465 -3.92 -27.59 -0.48
N TYR B 466 -5.24 -27.40 -0.62
CA TYR B 466 -5.97 -28.08 -1.68
C TYR B 466 -5.35 -27.80 -3.04
N LEU B 467 -4.98 -26.54 -3.29
CA LEU B 467 -4.37 -26.18 -4.56
C LEU B 467 -3.07 -26.93 -4.79
N PHE B 468 -2.16 -26.89 -3.81
CA PHE B 468 -0.89 -27.59 -3.94
C PHE B 468 -1.06 -29.09 -4.13
N ASN B 469 -1.97 -29.69 -3.38
CA ASN B 469 -2.24 -31.11 -3.50
C ASN B 469 -2.80 -31.45 -4.86
N LYS B 470 -3.56 -30.54 -5.47
CA LYS B 470 -4.00 -30.73 -6.85
C LYS B 470 -2.83 -30.61 -7.82
N SER B 471 -1.88 -29.70 -7.54
CA SER B 471 -0.68 -29.61 -8.36
C SER B 471 0.11 -30.91 -8.36
N LEU B 472 0.21 -31.56 -7.20
CA LEU B 472 0.88 -32.86 -7.12
C LEU B 472 0.06 -33.96 -7.78
N GLU B 473 -1.28 -33.92 -7.65
CA GLU B 473 -2.11 -34.89 -8.32
C GLU B 473 -1.95 -34.83 -9.83
N ILE B 474 -1.91 -33.63 -10.41
CA ILE B 474 -1.90 -33.50 -11.87
C ILE B 474 -0.50 -33.62 -12.47
N GLU B 475 0.56 -33.35 -11.71
CA GLU B 475 1.92 -33.50 -12.22
C GLU B 475 2.82 -33.93 -11.07
N PRO B 476 2.92 -35.23 -10.82
CA PRO B 476 3.71 -35.70 -9.69
C PRO B 476 5.20 -35.48 -9.86
N ARG B 477 5.90 -35.65 -8.73
CA ARG B 477 7.32 -35.45 -8.61
C ARG B 477 8.08 -36.52 -9.37
N PRO B 481 6.03 -41.31 -12.77
CA PRO B 481 5.47 -41.00 -14.10
C PRO B 481 4.37 -39.95 -14.02
N LEU B 482 4.09 -39.36 -15.16
CA LEU B 482 2.97 -38.42 -15.31
C LEU B 482 1.71 -39.18 -15.66
N PRO B 483 0.66 -39.16 -14.83
CA PRO B 483 -0.59 -39.83 -15.21
C PRO B 483 -1.29 -39.12 -16.35
N ARG B 484 -2.42 -39.67 -16.78
CA ARG B 484 -3.26 -39.09 -17.84
C ARG B 484 -4.66 -38.89 -17.28
N PHE B 485 -5.21 -37.67 -17.45
CA PHE B 485 -6.55 -37.38 -16.96
C PHE B 485 -7.49 -37.09 -18.12
N PRO B 486 -8.77 -37.40 -17.99
CA PRO B 486 -9.71 -37.17 -19.09
C PRO B 486 -10.08 -35.70 -19.23
N LYS B 487 -10.62 -35.37 -20.41
CA LYS B 487 -11.00 -33.99 -20.74
C LYS B 487 -12.26 -33.59 -19.96
N LYS B 488 -12.34 -32.30 -19.63
CA LYS B 488 -13.50 -31.76 -18.93
C LYS B 488 -14.29 -30.74 -19.73
N TYR B 489 -13.66 -30.02 -20.66
CA TYR B 489 -14.39 -29.04 -21.48
C TYR B 489 -14.84 -29.71 -22.77
N SER B 490 -16.14 -29.57 -23.07
CA SER B 490 -16.70 -30.12 -24.30
C SER B 490 -16.60 -29.14 -25.47
N TYR B 491 -16.58 -27.85 -25.20
CA TYR B 491 -16.40 -26.83 -26.23
C TYR B 491 -14.94 -26.83 -26.71
N PRO B 492 -14.67 -26.25 -27.88
CA PRO B 492 -13.29 -26.20 -28.37
C PRO B 492 -12.39 -25.38 -27.45
N LEU B 493 -11.09 -25.52 -27.68
CA LEU B 493 -10.07 -24.90 -26.84
C LEU B 493 -9.22 -23.87 -27.57
N LYS B 494 -9.67 -23.33 -28.69
CA LYS B 494 -8.83 -22.43 -29.46
C LYS B 494 -9.15 -20.98 -29.14
N SER B 495 -8.13 -20.24 -28.72
CA SER B 495 -8.30 -18.83 -28.46
C SER B 495 -8.60 -18.08 -29.75
N PRO B 496 -9.60 -17.20 -29.76
CA PRO B 496 -9.75 -16.26 -30.88
C PRO B 496 -8.69 -15.17 -30.89
N GLY B 497 -7.82 -15.11 -29.89
CA GLY B 497 -6.69 -14.20 -29.89
C GLY B 497 -7.03 -12.83 -29.32
N VAL B 498 -5.98 -12.04 -29.11
CA VAL B 498 -6.11 -10.74 -28.45
C VAL B 498 -6.04 -9.56 -29.41
N ARG B 499 -5.89 -9.81 -30.70
CA ARG B 499 -6.12 -8.77 -31.69
C ARG B 499 -7.63 -8.58 -31.88
N PRO B 500 -8.15 -7.36 -31.79
CA PRO B 500 -9.61 -7.16 -31.80
C PRO B 500 -10.26 -7.54 -33.12
N SER B 501 -11.53 -7.14 -33.26
CA SER B 501 -12.35 -7.64 -34.36
C SER B 501 -12.25 -6.75 -35.60
N ASN B 502 -12.56 -5.46 -35.44
CA ASN B 502 -12.52 -4.54 -36.57
C ASN B 502 -12.13 -3.14 -36.14
N LYS C 1 16.31 -24.29 -14.45
CA LYS C 1 17.07 -23.33 -15.14
C LYS C 1 16.23 -21.99 -15.24
N HIS C 3 13.18 -19.26 -14.89
CA HIS C 3 11.81 -19.58 -14.57
C HIS C 3 11.30 -20.51 -15.65
N PRO C 4 10.01 -21.27 -15.48
CA PRO C 4 9.39 -22.24 -16.52
C PRO C 4 9.09 -21.50 -17.71
N TRP C 5 9.03 -20.02 -17.63
CA TRP C 5 8.74 -19.17 -18.74
C TRP C 5 9.99 -18.37 -19.22
N SER C 6 11.32 -18.51 -18.50
CA SER C 6 12.49 -17.75 -18.93
C SER C 6 12.97 -18.16 -20.36
N VAL C 7 13.79 -17.16 -21.17
CA VAL C 7 14.29 -17.39 -22.50
C VAL C 7 15.00 -18.81 -22.74
N ALA C 8 14.24 -19.91 -23.51
CA ALA C 8 14.77 -21.26 -23.83
C ALA C 8 15.80 -21.84 -22.75
#